data_3N4X
#
_entry.id   3N4X
#
_cell.length_a   105.269
_cell.length_b   105.269
_cell.length_c   234.792
_cell.angle_alpha   90.00
_cell.angle_beta   90.00
_cell.angle_gamma   120.00
#
_symmetry.space_group_name_H-M   'P 31 2 1'
#
_entity_poly.entity_id   1
_entity_poly.type   'polypeptide(L)'
_entity_poly.pdbx_seq_one_letter_code
;MDPLTVYKNSVKQQIDSADLLVANLVNENFVLSEKLDTKATEIKQLQKQIDSLNAQVKELKTQTSQQAENSEVIKDLYEY
LCNVRVHKSYEDDSGLWFDISQGTHSGGSSDDYSIMDYKLGFVKGQAQVTEVIYAPVLKQRSTEELYSLQSKLPEYLFET
LSFPLSSLNQFYNKIAKSLNKKREKKDETE
;
_entity_poly.pdbx_strand_id   A,B,C,D
#
# COMPACT_ATOMS: atom_id res chain seq x y z
N SER A 17 -51.49 -43.84 39.82
CA SER A 17 -51.27 -43.14 38.57
C SER A 17 -50.98 -41.66 38.81
N ALA A 18 -51.66 -41.08 39.81
CA ALA A 18 -51.47 -39.69 40.26
C ALA A 18 -50.13 -39.49 40.96
N ASP A 19 -49.81 -40.34 41.92
CA ASP A 19 -48.54 -40.23 42.63
C ASP A 19 -47.32 -40.61 41.80
N LEU A 20 -47.40 -41.76 41.13
CA LEU A 20 -46.32 -42.17 40.24
C LEU A 20 -45.80 -41.04 39.33
N LEU A 21 -46.71 -40.38 38.61
CA LEU A 21 -46.32 -39.33 37.68
C LEU A 21 -45.58 -38.20 38.38
N VAL A 22 -46.13 -37.71 39.48
CA VAL A 22 -45.51 -36.61 40.22
C VAL A 22 -44.15 -36.97 40.85
N ALA A 23 -44.04 -38.15 41.44
CA ALA A 23 -42.73 -38.67 41.81
C ALA A 23 -41.69 -38.74 40.67
N ASN A 24 -42.14 -38.96 39.42
CA ASN A 24 -41.23 -38.98 38.26
C ASN A 24 -40.72 -37.60 37.89
N LEU A 25 -41.55 -36.60 38.12
CA LEU A 25 -41.14 -35.22 37.88
C LEU A 25 -39.83 -34.96 38.61
N VAL A 26 -39.62 -35.57 39.76
CA VAL A 26 -38.33 -35.46 40.38
C VAL A 26 -37.25 -36.03 39.48
N ASN A 27 -37.53 -37.20 38.89
CA ASN A 27 -36.56 -37.81 37.99
C ASN A 27 -36.23 -36.90 36.84
N GLU A 28 -37.26 -36.23 36.30
CA GLU A 28 -37.06 -35.30 35.20
C GLU A 28 -36.30 -34.04 35.62
N ASN A 29 -36.55 -33.56 36.83
CA ASN A 29 -35.83 -32.40 37.35
C ASN A 29 -34.35 -32.68 37.56
N PHE A 30 -34.03 -33.90 37.94
CA PHE A 30 -32.64 -34.29 38.03
C PHE A 30 -32.00 -34.30 36.63
N VAL A 31 -32.55 -35.09 35.71
CA VAL A 31 -31.99 -35.19 34.35
C VAL A 31 -31.72 -33.82 33.74
N LEU A 32 -32.64 -32.89 33.95
CA LEU A 32 -32.47 -31.55 33.42
C LEU A 32 -31.24 -30.90 34.03
N SER A 33 -31.12 -31.01 35.35
CA SER A 33 -30.03 -30.35 36.04
C SER A 33 -28.66 -30.87 35.60
N GLU A 34 -28.57 -32.16 35.30
CA GLU A 34 -27.31 -32.71 34.79
C GLU A 34 -27.05 -32.28 33.35
N LYS A 35 -28.08 -32.40 32.51
CA LYS A 35 -27.93 -32.01 31.12
C LYS A 35 -27.56 -30.56 31.07
N LEU A 36 -28.06 -29.81 32.05
CA LEU A 36 -27.80 -28.38 32.12
C LEU A 36 -26.37 -28.06 32.58
N ASP A 37 -25.83 -28.86 33.51
CA ASP A 37 -24.47 -28.63 33.98
C ASP A 37 -23.48 -29.00 32.92
N THR A 38 -23.79 -30.05 32.17
CA THR A 38 -22.94 -30.49 31.05
C THR A 38 -22.90 -29.43 29.93
N LYS A 39 -23.93 -28.59 29.86
CA LYS A 39 -23.88 -27.50 28.89
C LYS A 39 -23.05 -26.32 29.40
N ALA A 40 -23.17 -26.01 30.68
CA ALA A 40 -22.32 -25.01 31.32
C ALA A 40 -20.82 -25.28 31.15
N THR A 41 -20.44 -26.52 30.86
CA THR A 41 -19.04 -26.82 30.60
C THR A 41 -18.69 -26.61 29.13
N GLU A 42 -19.59 -26.99 28.24
CA GLU A 42 -19.40 -26.77 26.81
C GLU A 42 -19.36 -25.29 26.53
N ILE A 43 -20.05 -24.51 27.36
CA ILE A 43 -20.05 -23.06 27.19
C ILE A 43 -18.73 -22.42 27.62
N LYS A 44 -18.23 -22.82 28.78
CA LYS A 44 -16.96 -22.31 29.24
C LYS A 44 -15.86 -22.65 28.26
N GLN A 45 -15.91 -23.86 27.70
CA GLN A 45 -14.91 -24.31 26.72
C GLN A 45 -14.86 -23.46 25.43
N LEU A 46 -16.01 -23.06 24.91
CA LEU A 46 -16.08 -22.22 23.71
C LEU A 46 -15.54 -20.82 23.97
N GLN A 47 -15.85 -20.29 25.16
CA GLN A 47 -15.38 -18.97 25.51
C GLN A 47 -13.87 -18.91 25.52
N LYS A 48 -13.23 -19.99 25.96
CA LYS A 48 -11.79 -20.05 25.97
C LYS A 48 -11.25 -20.04 24.55
N GLN A 49 -11.83 -20.88 23.71
CA GLN A 49 -11.43 -20.95 22.31
C GLN A 49 -11.52 -19.60 21.62
N ILE A 50 -12.64 -18.92 21.80
CA ILE A 50 -12.82 -17.58 21.31
C ILE A 50 -11.67 -16.63 21.71
N ASP A 51 -11.35 -16.60 23.00
CA ASP A 51 -10.28 -15.76 23.51
C ASP A 51 -8.95 -16.08 22.87
N SER A 52 -8.65 -17.37 22.73
CA SER A 52 -7.46 -17.83 22.04
C SER A 52 -7.40 -17.33 20.61
N LEU A 53 -8.51 -17.52 19.89
CA LEU A 53 -8.61 -17.07 18.51
C LEU A 53 -8.41 -15.58 18.39
N ASN A 54 -8.98 -14.81 19.31
CA ASN A 54 -8.78 -13.37 19.33
C ASN A 54 -7.33 -12.92 19.43
N ALA A 55 -6.56 -13.54 20.32
CA ALA A 55 -5.15 -13.21 20.47
C ALA A 55 -4.42 -13.45 19.18
N GLN A 56 -4.48 -14.70 18.75
CA GLN A 56 -3.89 -15.18 17.50
C GLN A 56 -4.22 -14.30 16.30
N VAL A 57 -5.50 -13.99 16.15
CA VAL A 57 -5.94 -13.09 15.10
C VAL A 57 -5.22 -11.75 15.13
N LYS A 58 -5.21 -11.10 16.29
CA LYS A 58 -4.51 -9.82 16.44
C LYS A 58 -3.02 -9.86 16.12
N GLU A 59 -2.32 -10.86 16.63
CA GLU A 59 -0.90 -11.01 16.33
C GLU A 59 -0.62 -11.32 14.86
N LEU A 60 -1.53 -12.06 14.24
CA LEU A 60 -1.41 -12.33 12.81
C LEU A 60 -1.64 -11.07 11.98
N LYS A 61 -2.42 -10.14 12.53
CA LYS A 61 -2.76 -8.93 11.82
C LYS A 61 -1.65 -7.92 11.87
N THR A 62 -0.92 -7.90 12.97
CA THR A 62 0.22 -7.03 13.06
C THR A 62 1.38 -7.54 12.22
N GLN A 63 1.66 -8.84 12.32
CA GLN A 63 2.75 -9.43 11.53
C GLN A 63 2.56 -9.25 10.03
N THR A 64 1.33 -9.44 9.55
CA THR A 64 1.04 -9.25 8.14
C THR A 64 1.10 -7.77 7.72
N SER A 65 0.69 -6.86 8.61
CA SER A 65 0.73 -5.41 8.31
C SER A 65 2.10 -4.75 8.48
N GLN A 66 2.65 -4.80 9.69
CA GLN A 66 4.03 -4.39 9.97
C GLN A 66 4.99 -4.93 8.90
N GLN A 67 4.70 -6.13 8.41
CA GLN A 67 5.52 -6.69 7.35
C GLN A 67 5.43 -5.87 6.06
N ALA A 68 4.23 -5.36 5.78
CA ALA A 68 4.04 -4.48 4.64
C ALA A 68 4.99 -3.31 4.75
N GLU A 69 5.10 -2.74 5.96
CA GLU A 69 6.02 -1.63 6.20
C GLU A 69 7.45 -1.99 5.83
N ASN A 70 7.90 -3.18 6.23
CA ASN A 70 9.23 -3.66 5.84
C ASN A 70 9.40 -3.68 4.34
N SER A 71 8.50 -4.39 3.67
CA SER A 71 8.53 -4.49 2.23
C SER A 71 8.55 -3.12 1.54
N GLU A 72 7.79 -2.16 2.05
CA GLU A 72 7.83 -0.81 1.50
C GLU A 72 9.22 -0.20 1.63
N VAL A 73 9.83 -0.33 2.79
CA VAL A 73 11.16 0.24 3.00
C VAL A 73 12.13 -0.31 2.01
N ILE A 74 12.17 -1.63 1.93
CA ILE A 74 13.00 -2.30 0.94
C ILE A 74 12.73 -1.87 -0.52
N LYS A 75 11.46 -1.88 -0.92
CA LYS A 75 11.12 -1.39 -2.24
C LYS A 75 11.70 0.01 -2.38
N ASP A 76 11.48 0.76 -1.30
CA ASP A 76 11.92 2.13 -1.27
C ASP A 76 13.42 2.20 -1.33
N LEU A 77 14.09 1.26 -0.68
CA LEU A 77 15.56 1.20 -0.74
C LEU A 77 16.05 0.97 -2.15
N TYR A 78 15.57 -0.11 -2.77
CA TYR A 78 15.99 -0.46 -4.10
C TYR A 78 15.80 0.71 -5.07
N GLU A 79 14.66 1.40 -4.96
CA GLU A 79 14.43 2.59 -5.76
C GLU A 79 15.51 3.67 -5.59
N TYR A 80 15.99 3.87 -4.37
CA TYR A 80 16.99 4.91 -4.08
C TYR A 80 18.38 4.43 -4.48
N LEU A 81 18.55 3.12 -4.53
CA LEU A 81 19.86 2.53 -4.78
C LEU A 81 20.07 2.02 -6.22
N CYS A 82 18.99 1.60 -6.87
CA CYS A 82 19.11 1.06 -8.22
C CYS A 82 18.32 1.86 -9.24
N ASN A 83 17.71 2.96 -8.79
CA ASN A 83 16.80 3.72 -9.61
C ASN A 83 15.84 2.87 -10.43
N VAL A 84 15.44 1.72 -9.91
CA VAL A 84 14.50 0.84 -10.58
C VAL A 84 13.44 0.27 -9.66
N ARG A 85 12.17 0.35 -10.07
CA ARG A 85 11.11 -0.22 -9.26
C ARG A 85 10.25 -1.26 -9.96
N VAL A 86 9.99 -2.37 -9.27
CA VAL A 86 9.14 -3.42 -9.81
C VAL A 86 7.70 -3.25 -9.34
N HIS A 87 6.82 -2.82 -10.22
CA HIS A 87 5.41 -2.62 -9.85
C HIS A 87 4.64 -3.89 -9.44
N LYS A 88 4.50 -4.87 -10.34
CA LYS A 88 3.64 -6.03 -10.07
C LYS A 88 4.17 -7.36 -10.62
N SER A 89 3.31 -8.38 -10.63
CA SER A 89 3.67 -9.65 -11.23
C SER A 89 2.42 -10.48 -11.57
N TYR A 90 2.33 -10.98 -12.80
CA TYR A 90 1.26 -11.90 -13.20
C TYR A 90 1.82 -13.20 -13.75
N GLU A 91 0.98 -14.23 -13.83
CA GLU A 91 1.45 -15.48 -14.40
C GLU A 91 0.39 -16.03 -15.37
N ASP A 92 0.51 -15.64 -16.64
CA ASP A 92 -0.49 -16.01 -17.66
C ASP A 92 -0.22 -17.37 -18.23
N ASP A 93 -0.74 -18.40 -17.59
CA ASP A 93 -0.41 -19.77 -17.94
C ASP A 93 1.11 -19.85 -18.00
N SER A 94 1.62 -19.72 -19.21
CA SER A 94 3.04 -19.81 -19.47
C SER A 94 3.72 -18.46 -19.36
N GLY A 95 4.51 -18.32 -18.31
CA GLY A 95 5.36 -17.14 -18.10
C GLY A 95 4.83 -16.14 -17.09
N LEU A 96 5.72 -15.62 -16.25
CA LEU A 96 5.38 -14.53 -15.35
C LEU A 96 5.95 -13.23 -15.83
N TRP A 97 5.28 -12.15 -15.49
CA TRP A 97 5.60 -10.84 -16.03
C TRP A 97 5.70 -9.78 -14.93
N PHE A 98 6.58 -8.81 -15.09
CA PHE A 98 6.74 -7.77 -14.10
C PHE A 98 6.82 -6.46 -14.79
N ASP A 99 6.00 -5.50 -14.39
CA ASP A 99 6.18 -4.16 -14.93
C ASP A 99 7.40 -3.57 -14.30
N ILE A 100 8.02 -2.57 -14.93
CA ILE A 100 9.22 -1.97 -14.36
C ILE A 100 9.27 -0.51 -14.73
N SER A 101 9.74 0.29 -13.79
CA SER A 101 10.03 1.67 -14.10
C SER A 101 11.43 1.95 -13.68
N GLN A 102 12.29 2.18 -14.67
CA GLN A 102 13.68 2.48 -14.45
C GLN A 102 14.01 3.86 -14.99
N GLY A 103 15.07 4.43 -14.43
CA GLY A 103 15.57 5.75 -14.79
C GLY A 103 15.73 6.65 -13.58
N THR A 104 16.21 7.86 -13.81
CA THR A 104 16.38 8.81 -12.75
C THR A 104 15.24 9.78 -12.91
N HIS A 105 14.81 10.39 -11.80
CA HIS A 105 13.71 11.35 -11.83
C HIS A 105 14.09 12.59 -12.62
N ILE A 115 12.66 8.48 -17.69
CA ILE A 115 12.17 7.24 -17.09
C ILE A 115 11.54 6.36 -18.13
N MET A 116 11.99 5.09 -18.19
CA MET A 116 11.41 4.16 -19.16
C MET A 116 10.68 2.96 -18.57
N ASP A 117 9.38 2.88 -18.83
CA ASP A 117 8.59 1.78 -18.34
C ASP A 117 8.68 0.63 -19.31
N TYR A 118 8.85 -0.59 -18.79
CA TYR A 118 8.70 -1.75 -19.62
C TYR A 118 8.35 -2.97 -18.85
N LYS A 119 8.27 -4.11 -19.51
CA LYS A 119 7.88 -5.33 -18.83
C LYS A 119 8.87 -6.40 -19.16
N LEU A 120 8.99 -7.38 -18.28
CA LEU A 120 9.86 -8.51 -18.52
C LEU A 120 9.13 -9.81 -18.35
N GLY A 121 9.30 -10.72 -19.29
CA GLY A 121 8.63 -11.99 -19.23
C GLY A 121 9.67 -13.10 -19.08
N PHE A 122 9.30 -14.12 -18.30
CA PHE A 122 10.17 -15.27 -18.10
C PHE A 122 9.46 -16.58 -18.40
N VAL A 123 9.96 -17.34 -19.39
CA VAL A 123 9.32 -18.56 -19.85
C VAL A 123 10.17 -19.79 -19.63
N VAL A 129 16.65 -24.96 -18.71
CA VAL A 129 16.63 -23.80 -19.61
C VAL A 129 15.77 -22.68 -19.05
N THR A 130 16.11 -21.45 -19.43
CA THR A 130 15.36 -20.27 -19.06
C THR A 130 15.59 -19.23 -20.13
N GLU A 131 14.68 -18.28 -20.25
CA GLU A 131 14.82 -17.22 -21.24
C GLU A 131 13.96 -16.03 -20.89
N VAL A 132 14.34 -14.86 -21.38
CA VAL A 132 13.69 -13.60 -21.01
C VAL A 132 13.14 -12.83 -22.21
N ILE A 133 12.18 -11.95 -21.95
CA ILE A 133 11.56 -11.15 -23.00
C ILE A 133 11.39 -9.70 -22.59
N TYR A 134 11.97 -8.78 -23.35
CA TYR A 134 11.82 -7.38 -23.02
C TYR A 134 10.61 -6.83 -23.78
N ALA A 135 10.16 -5.62 -23.47
CA ALA A 135 8.95 -5.13 -24.10
C ALA A 135 8.59 -3.71 -23.73
N PRO A 136 9.07 -2.74 -24.49
CA PRO A 136 8.83 -1.34 -24.13
C PRO A 136 7.36 -1.10 -23.81
N VAL A 137 7.09 -0.26 -22.80
CA VAL A 137 5.71 0.04 -22.39
C VAL A 137 5.47 1.54 -22.40
N LEU A 138 4.79 2.02 -23.42
CA LEU A 138 4.59 3.45 -23.60
C LEU A 138 3.12 3.75 -23.78
N LYS A 139 2.27 2.91 -23.19
CA LYS A 139 0.83 3.07 -23.26
C LYS A 139 0.45 4.55 -23.18
N GLN A 140 1.18 5.29 -22.36
CA GLN A 140 0.91 6.72 -22.19
C GLN A 140 2.19 7.50 -21.99
N ARG A 141 2.43 8.47 -22.87
CA ARG A 141 3.63 9.25 -22.78
C ARG A 141 3.61 10.49 -23.67
N SER A 142 3.62 11.66 -23.03
CA SER A 142 3.66 12.93 -23.74
C SER A 142 4.80 12.88 -24.76
N THR A 143 4.45 13.10 -26.02
CA THR A 143 5.41 12.95 -27.11
C THR A 143 6.75 13.63 -26.83
N GLU A 144 6.72 14.77 -26.16
CA GLU A 144 7.95 15.50 -25.85
C GLU A 144 8.96 14.59 -25.17
N GLU A 145 8.46 13.73 -24.30
CA GLU A 145 9.31 12.77 -23.61
C GLU A 145 9.76 11.69 -24.59
N LEU A 146 8.80 11.13 -25.33
CA LEU A 146 9.05 10.05 -26.26
C LEU A 146 10.16 10.36 -27.25
N TYR A 147 10.49 11.64 -27.42
CA TYR A 147 11.60 12.02 -28.26
C TYR A 147 12.83 12.32 -27.42
N SER A 148 12.60 12.85 -26.22
CA SER A 148 13.68 12.99 -25.25
C SER A 148 14.31 11.60 -25.08
N LEU A 149 13.45 10.60 -24.96
CA LEU A 149 13.89 9.22 -24.77
C LEU A 149 14.59 8.66 -26.00
N GLN A 150 14.09 8.98 -27.19
CA GLN A 150 14.67 8.44 -28.42
C GLN A 150 16.07 8.99 -28.68
N SER A 151 16.40 10.09 -28.02
CA SER A 151 17.70 10.71 -28.18
C SER A 151 18.71 10.06 -27.23
N LYS A 152 18.21 9.58 -26.11
CA LYS A 152 19.07 8.95 -25.10
C LYS A 152 19.20 7.43 -25.32
N LEU A 153 18.18 6.82 -25.92
CA LEU A 153 18.08 5.37 -25.99
C LEU A 153 18.32 4.75 -27.37
N PRO A 154 19.23 3.75 -27.43
CA PRO A 154 19.54 3.03 -28.67
C PRO A 154 18.28 2.47 -29.30
N GLU A 155 18.15 2.61 -30.61
CA GLU A 155 16.95 2.18 -31.31
C GLU A 155 16.30 0.96 -30.65
N TYR A 156 17.06 -0.13 -30.53
CA TYR A 156 16.50 -1.44 -30.19
C TYR A 156 15.73 -1.53 -28.88
N LEU A 157 15.85 -0.52 -28.05
CA LEU A 157 15.19 -0.57 -26.78
C LEU A 157 13.75 -0.17 -26.94
N PHE A 158 13.31 -0.03 -28.17
CA PHE A 158 11.93 0.36 -28.41
C PHE A 158 11.21 -0.79 -29.12
N GLU A 159 11.83 -1.95 -29.12
CA GLU A 159 11.26 -3.11 -29.79
C GLU A 159 11.42 -4.30 -28.88
N THR A 160 10.45 -5.20 -28.91
CA THR A 160 10.53 -6.42 -28.13
C THR A 160 11.82 -7.20 -28.43
N LEU A 161 12.41 -7.81 -27.41
CA LEU A 161 13.67 -8.56 -27.52
C LEU A 161 13.66 -9.86 -26.76
N SER A 162 14.75 -10.61 -26.84
CA SER A 162 14.84 -11.88 -26.13
C SER A 162 16.25 -12.34 -25.93
N PHE A 163 16.58 -12.59 -24.67
CA PHE A 163 17.96 -12.94 -24.36
C PHE A 163 17.91 -13.94 -23.20
N PRO A 164 18.98 -14.72 -23.03
CA PRO A 164 19.11 -15.62 -21.91
C PRO A 164 19.24 -14.83 -20.60
N LEU A 165 18.90 -15.45 -19.47
CA LEU A 165 18.93 -14.77 -18.19
C LEU A 165 20.31 -14.19 -17.88
N SER A 166 21.34 -14.93 -18.25
CA SER A 166 22.73 -14.55 -18.00
C SER A 166 23.04 -13.15 -18.50
N SER A 167 22.22 -12.68 -19.44
CA SER A 167 22.50 -11.42 -20.10
C SER A 167 21.72 -10.28 -19.44
N LEU A 168 20.82 -10.63 -18.55
CA LEU A 168 19.93 -9.66 -17.94
C LEU A 168 20.68 -8.48 -17.34
N ASN A 169 21.49 -8.76 -16.33
CA ASN A 169 22.21 -7.73 -15.63
C ASN A 169 22.89 -6.77 -16.60
N GLN A 170 23.41 -7.33 -17.68
CA GLN A 170 24.09 -6.56 -18.73
C GLN A 170 23.12 -5.60 -19.39
N PHE A 171 21.92 -6.12 -19.66
CA PHE A 171 20.82 -5.31 -20.17
C PHE A 171 20.65 -4.12 -19.24
N TYR A 172 20.27 -4.44 -18.01
CA TYR A 172 20.03 -3.43 -16.99
C TYR A 172 21.05 -2.31 -17.06
N ASN A 173 22.32 -2.68 -17.11
CA ASN A 173 23.39 -1.70 -17.09
C ASN A 173 23.28 -0.75 -18.25
N LYS A 174 23.00 -1.32 -19.42
CA LYS A 174 22.95 -0.55 -20.66
C LYS A 174 21.90 0.55 -20.59
N ILE A 175 20.77 0.23 -19.98
CA ILE A 175 19.69 1.18 -19.85
C ILE A 175 20.01 2.28 -18.84
N ALA A 176 20.69 1.89 -17.77
CA ALA A 176 21.06 2.85 -16.74
C ALA A 176 22.04 3.86 -17.31
N LYS A 177 23.03 3.34 -18.02
CA LYS A 177 24.09 4.17 -18.58
C LYS A 177 23.55 5.19 -19.56
N SER A 178 22.46 4.85 -20.23
CA SER A 178 21.89 5.72 -21.26
C SER A 178 20.94 6.74 -20.63
N LEU A 179 20.42 6.40 -19.46
CA LEU A 179 19.50 7.28 -18.73
C LEU A 179 20.22 8.09 -17.67
N PRO B 3 -49.23 -22.79 46.03
CA PRO B 3 -49.66 -24.03 46.68
C PRO B 3 -50.49 -25.03 45.84
N LEU B 4 -49.88 -25.81 44.93
CA LEU B 4 -50.61 -26.82 44.11
C LEU B 4 -50.95 -28.10 44.87
N THR B 5 -51.92 -28.87 44.37
CA THR B 5 -52.37 -30.12 45.05
C THR B 5 -53.10 -31.12 44.14
N VAL B 6 -52.42 -32.22 43.77
CA VAL B 6 -52.95 -33.17 42.78
C VAL B 6 -54.21 -33.85 43.26
N TYR B 7 -54.88 -34.58 42.36
CA TYR B 7 -56.03 -35.38 42.74
C TYR B 7 -56.00 -36.75 42.09
N LYS B 8 -56.04 -37.79 42.90
CA LYS B 8 -56.20 -39.15 42.39
C LYS B 8 -57.69 -39.27 42.14
N ASN B 9 -58.12 -40.43 41.64
CA ASN B 9 -59.52 -40.65 41.33
C ASN B 9 -60.40 -40.89 42.56
N SER B 10 -61.11 -39.89 43.08
CA SER B 10 -61.10 -38.50 42.62
C SER B 10 -62.07 -37.67 43.47
N ASP B 19 -48.08 -29.82 50.21
CA ASP B 19 -48.52 -29.19 48.98
C ASP B 19 -47.47 -28.21 48.43
N LEU B 20 -46.93 -27.38 49.33
CA LEU B 20 -45.81 -26.51 49.02
C LEU B 20 -44.72 -27.27 48.20
N LEU B 21 -44.25 -28.41 48.71
CA LEU B 21 -43.16 -29.12 48.02
C LEU B 21 -43.56 -29.53 46.61
N VAL B 22 -44.73 -30.14 46.48
CA VAL B 22 -45.26 -30.54 45.16
C VAL B 22 -45.39 -29.37 44.15
N ALA B 23 -45.88 -28.23 44.63
CA ALA B 23 -45.99 -27.02 43.83
C ALA B 23 -44.64 -26.50 43.39
N ASN B 24 -43.59 -26.73 44.17
CA ASN B 24 -42.23 -26.33 43.79
C ASN B 24 -41.65 -27.19 42.70
N LEU B 25 -42.06 -28.45 42.66
CA LEU B 25 -41.66 -29.35 41.59
C LEU B 25 -42.07 -28.82 40.20
N VAL B 26 -43.34 -28.49 39.96
CA VAL B 26 -43.74 -28.05 38.62
C VAL B 26 -43.10 -26.72 38.27
N ASN B 27 -43.26 -25.75 39.18
CA ASN B 27 -42.61 -24.46 39.03
C ASN B 27 -41.13 -24.63 38.75
N GLU B 28 -40.49 -25.51 39.52
CA GLU B 28 -39.06 -25.74 39.37
C GLU B 28 -38.72 -26.46 38.06
N ASN B 29 -39.63 -27.30 37.58
CA ASN B 29 -39.39 -28.02 36.33
C ASN B 29 -39.48 -27.10 35.16
N PHE B 30 -40.36 -26.11 35.25
CA PHE B 30 -40.42 -25.09 34.22
C PHE B 30 -39.12 -24.25 34.18
N VAL B 31 -38.82 -23.54 35.27
CA VAL B 31 -37.58 -22.77 35.37
C VAL B 31 -36.34 -23.48 34.82
N LEU B 32 -36.20 -24.78 35.08
CA LEU B 32 -35.05 -25.54 34.58
C LEU B 32 -35.10 -25.64 33.07
N SER B 33 -36.29 -25.91 32.54
CA SER B 33 -36.45 -26.04 31.10
C SER B 33 -36.13 -24.75 30.32
N GLU B 34 -36.49 -23.61 30.89
CA GLU B 34 -36.12 -22.31 30.29
C GLU B 34 -34.63 -22.02 30.44
N LYS B 35 -34.10 -22.18 31.64
CA LYS B 35 -32.69 -21.93 31.87
C LYS B 35 -31.84 -22.80 30.96
N LEU B 36 -32.38 -23.93 30.56
CA LEU B 36 -31.60 -24.82 29.72
C LEU B 36 -31.71 -24.43 28.25
N ASP B 37 -32.89 -24.00 27.83
CA ASP B 37 -33.09 -23.57 26.44
C ASP B 37 -32.35 -22.27 26.13
N THR B 38 -32.37 -21.34 27.09
CA THR B 38 -31.64 -20.10 26.92
C THR B 38 -30.12 -20.33 26.84
N LYS B 39 -29.64 -21.43 27.38
CA LYS B 39 -28.22 -21.75 27.24
C LYS B 39 -27.94 -22.35 25.86
N ALA B 40 -28.85 -23.19 25.37
CA ALA B 40 -28.74 -23.73 24.01
C ALA B 40 -28.66 -22.65 22.92
N THR B 41 -29.12 -21.43 23.20
CA THR B 41 -29.00 -20.33 22.25
C THR B 41 -27.65 -19.64 22.38
N GLU B 42 -27.19 -19.45 23.61
CA GLU B 42 -25.87 -18.88 23.86
C GLU B 42 -24.79 -19.79 23.30
N ILE B 43 -25.07 -21.08 23.24
CA ILE B 43 -24.11 -22.04 22.69
C ILE B 43 -24.05 -21.94 21.16
N LYS B 44 -25.19 -21.90 20.51
CA LYS B 44 -25.24 -21.77 19.05
C LYS B 44 -24.57 -20.50 18.61
N GLN B 45 -24.84 -19.40 19.33
CA GLN B 45 -24.23 -18.11 19.00
C GLN B 45 -22.72 -18.12 19.15
N LEU B 46 -22.24 -18.91 20.11
CA LEU B 46 -20.83 -19.03 20.31
C LEU B 46 -20.22 -19.91 19.22
N GLN B 47 -20.91 -21.00 18.87
CA GLN B 47 -20.42 -21.89 17.84
C GLN B 47 -20.27 -21.15 16.53
N LYS B 48 -21.24 -20.27 16.23
CA LYS B 48 -21.19 -19.47 15.00
C LYS B 48 -19.99 -18.54 15.01
N GLN B 49 -19.84 -17.80 16.12
CA GLN B 49 -18.71 -16.89 16.29
C GLN B 49 -17.38 -17.58 16.12
N ILE B 50 -17.26 -18.77 16.70
CA ILE B 50 -16.05 -19.55 16.55
C ILE B 50 -15.74 -19.86 15.09
N ASP B 51 -16.74 -20.35 14.37
CA ASP B 51 -16.59 -20.62 12.96
C ASP B 51 -16.14 -19.40 12.17
N SER B 52 -16.78 -18.27 12.44
CA SER B 52 -16.43 -17.02 11.78
C SER B 52 -14.98 -16.64 12.08
N LEU B 53 -14.58 -16.76 13.34
CA LEU B 53 -13.22 -16.44 13.73
C LEU B 53 -12.21 -17.36 13.06
N ASN B 54 -12.58 -18.63 12.90
CA ASN B 54 -11.71 -19.59 12.21
C ASN B 54 -11.42 -19.24 10.75
N ALA B 55 -12.47 -18.88 10.02
CA ALA B 55 -12.30 -18.41 8.66
C ALA B 55 -11.28 -17.26 8.64
N GLN B 56 -11.46 -16.28 9.52
CA GLN B 56 -10.54 -15.16 9.59
C GLN B 56 -9.07 -15.61 9.68
N VAL B 57 -8.78 -16.48 10.64
CA VAL B 57 -7.44 -17.04 10.79
C VAL B 57 -6.92 -17.76 9.53
N LYS B 58 -7.71 -18.69 9.00
CA LYS B 58 -7.38 -19.35 7.75
C LYS B 58 -7.14 -18.39 6.56
N GLU B 59 -8.04 -17.43 6.34
CA GLU B 59 -7.86 -16.44 5.26
C GLU B 59 -6.61 -15.58 5.46
N LEU B 60 -6.30 -15.24 6.70
CA LEU B 60 -5.09 -14.48 7.00
C LEU B 60 -3.84 -15.29 6.75
N LYS B 61 -3.96 -16.60 6.88
CA LYS B 61 -2.82 -17.50 6.72
C LYS B 61 -2.48 -17.70 5.26
N THR B 62 -3.50 -17.75 4.42
CA THR B 62 -3.29 -17.86 2.99
C THR B 62 -2.74 -16.56 2.42
N GLN B 63 -3.35 -15.43 2.81
CA GLN B 63 -2.91 -14.13 2.28
C GLN B 63 -1.47 -13.80 2.66
N THR B 64 -1.07 -14.17 3.86
CA THR B 64 0.29 -13.97 4.30
C THR B 64 1.26 -14.92 3.61
N SER B 65 0.85 -16.17 3.40
CA SER B 65 1.71 -17.13 2.73
C SER B 65 1.77 -16.78 1.26
N GLN B 66 0.74 -16.09 0.78
CA GLN B 66 0.70 -15.72 -0.62
C GLN B 66 1.53 -14.48 -0.90
N GLN B 67 1.41 -13.48 -0.04
CA GLN B 67 2.18 -12.27 -0.21
C GLN B 67 3.67 -12.53 0.01
N ALA B 68 3.98 -13.43 0.94
CA ALA B 68 5.36 -13.83 1.15
C ALA B 68 5.92 -14.39 -0.14
N GLU B 69 5.11 -15.20 -0.80
CA GLU B 69 5.49 -15.77 -2.09
C GLU B 69 5.87 -14.70 -3.12
N ASN B 70 5.05 -13.67 -3.24
CA ASN B 70 5.36 -12.54 -4.11
C ASN B 70 6.72 -11.94 -3.76
N SER B 71 6.87 -11.57 -2.50
CA SER B 71 8.11 -10.98 -2.06
C SER B 71 9.33 -11.86 -2.34
N GLU B 72 9.19 -13.16 -2.21
CA GLU B 72 10.28 -14.06 -2.55
C GLU B 72 10.65 -13.98 -4.03
N VAL B 73 9.63 -13.98 -4.88
CA VAL B 73 9.87 -13.88 -6.32
C VAL B 73 10.67 -12.65 -6.66
N ILE B 74 10.16 -11.50 -6.23
CA ILE B 74 10.86 -10.24 -6.41
C ILE B 74 12.28 -10.26 -5.86
N LYS B 75 12.46 -10.77 -4.65
CA LYS B 75 13.81 -10.91 -4.09
C LYS B 75 14.67 -11.70 -5.07
N ASP B 76 14.08 -12.78 -5.60
CA ASP B 76 14.80 -13.64 -6.54
C ASP B 76 15.07 -12.90 -7.84
N LEU B 77 14.12 -12.08 -8.30
CA LEU B 77 14.31 -11.26 -9.49
C LEU B 77 15.49 -10.32 -9.32
N TYR B 78 15.43 -9.49 -8.28
CA TYR B 78 16.47 -8.53 -8.03
C TYR B 78 17.84 -9.14 -7.97
N GLU B 79 17.92 -10.33 -7.39
CA GLU B 79 19.19 -11.04 -7.32
C GLU B 79 19.74 -11.34 -8.73
N TYR B 80 18.85 -11.71 -9.65
CA TYR B 80 19.24 -12.10 -11.01
C TYR B 80 19.46 -10.88 -11.89
N LEU B 81 18.80 -9.80 -11.55
CA LEU B 81 18.93 -8.56 -12.31
C LEU B 81 19.93 -7.51 -11.76
N CYS B 82 20.15 -7.48 -10.46
CA CYS B 82 21.03 -6.48 -9.88
C CYS B 82 22.21 -7.11 -9.17
N ASN B 83 22.29 -8.44 -9.24
CA ASN B 83 23.29 -9.18 -8.46
C ASN B 83 23.45 -8.70 -7.01
N VAL B 84 22.35 -8.26 -6.39
CA VAL B 84 22.39 -7.81 -5.00
C VAL B 84 21.19 -8.26 -4.20
N ARG B 85 21.45 -8.80 -3.02
CA ARG B 85 20.34 -9.18 -2.17
C ARG B 85 20.35 -8.58 -0.77
N VAL B 86 19.17 -8.14 -0.36
CA VAL B 86 18.94 -7.54 0.94
C VAL B 86 18.44 -8.58 1.94
N HIS B 87 19.30 -9.00 2.85
CA HIS B 87 18.93 -10.05 3.78
C HIS B 87 17.90 -9.68 4.85
N LYS B 88 18.15 -8.64 5.64
CA LYS B 88 17.23 -8.32 6.73
C LYS B 88 17.12 -6.82 6.99
N SER B 89 16.46 -6.47 8.09
CA SER B 89 16.34 -5.08 8.55
C SER B 89 16.13 -4.95 10.09
N TYR B 90 16.93 -4.12 10.77
CA TYR B 90 16.77 -3.83 12.23
C TYR B 90 16.62 -2.33 12.46
N GLU B 91 16.04 -1.94 13.59
CA GLU B 91 15.91 -0.53 13.89
C GLU B 91 16.30 -0.26 15.33
N ASP B 92 17.60 -0.09 15.57
CA ASP B 92 18.13 0.09 16.92
C ASP B 92 18.01 1.49 17.41
N ASP B 93 16.85 1.77 18.00
CA ASP B 93 16.48 3.11 18.36
C ASP B 93 16.70 3.99 17.15
N SER B 94 17.89 4.60 17.09
CA SER B 94 18.23 5.50 16.00
C SER B 94 18.91 4.80 14.83
N GLY B 95 18.16 4.69 13.74
CA GLY B 95 18.70 4.17 12.51
C GLY B 95 18.30 2.75 12.20
N LEU B 96 17.97 2.46 10.95
CA LEU B 96 17.71 1.10 10.54
C LEU B 96 18.83 0.59 9.69
N TRP B 97 19.00 -0.71 9.71
CA TRP B 97 20.17 -1.34 9.10
C TRP B 97 19.74 -2.48 8.19
N PHE B 98 20.43 -2.67 7.06
CA PHE B 98 20.15 -3.82 6.21
C PHE B 98 21.44 -4.53 5.85
N ASP B 99 21.46 -5.86 5.98
CA ASP B 99 22.63 -6.62 5.57
C ASP B 99 22.52 -6.69 4.06
N ILE B 100 23.64 -6.74 3.35
CA ILE B 100 23.63 -6.85 1.89
C ILE B 100 24.68 -7.84 1.42
N SER B 101 24.36 -8.57 0.35
CA SER B 101 25.34 -9.43 -0.32
C SER B 101 25.30 -9.13 -1.80
N GLN B 102 26.40 -8.53 -2.29
CA GLN B 102 26.49 -8.07 -3.67
C GLN B 102 27.79 -8.60 -4.28
N ILE B 115 32.14 -11.92 -3.99
CA ILE B 115 30.95 -11.45 -3.28
C ILE B 115 31.33 -10.67 -2.03
N MET B 116 30.80 -9.45 -1.88
CA MET B 116 31.11 -8.66 -0.68
C MET B 116 29.91 -8.36 0.19
N ASP B 117 29.93 -8.86 1.41
CA ASP B 117 28.85 -8.58 2.34
C ASP B 117 29.10 -7.31 3.12
N TYR B 118 28.07 -6.49 3.27
CA TYR B 118 28.22 -5.30 4.09
C TYR B 118 26.88 -4.86 4.62
N LYS B 119 26.89 -3.78 5.40
CA LYS B 119 25.64 -3.30 5.97
C LYS B 119 25.50 -1.83 5.75
N LEU B 120 24.24 -1.38 5.69
CA LEU B 120 23.98 0.03 5.45
C LEU B 120 23.10 0.57 6.52
N GLY B 121 23.47 1.72 7.06
CA GLY B 121 22.69 2.33 8.10
C GLY B 121 22.12 3.65 7.66
N PHE B 122 20.91 3.94 8.09
CA PHE B 122 20.27 5.19 7.73
C PHE B 122 19.80 5.91 8.98
N VAL B 123 20.32 7.12 9.19
CA VAL B 123 20.01 7.91 10.38
C VAL B 123 19.25 9.18 10.04
N THR B 130 18.91 13.50 5.69
CA THR B 130 19.16 12.07 5.65
C THR B 130 20.63 11.81 5.38
N GLU B 131 21.10 10.65 5.82
CA GLU B 131 22.50 10.30 5.60
C GLU B 131 22.71 8.80 5.76
N VAL B 132 23.77 8.29 5.14
CA VAL B 132 23.98 6.86 5.07
C VAL B 132 25.32 6.43 5.66
N ILE B 133 25.43 5.16 6.01
CA ILE B 133 26.66 4.62 6.56
C ILE B 133 26.99 3.24 6.05
N TYR B 134 28.18 3.11 5.49
CA TYR B 134 28.59 1.84 4.93
C TYR B 134 29.39 1.12 6.01
N ALA B 135 29.60 -0.18 5.85
CA ALA B 135 30.26 -0.94 6.90
C ALA B 135 30.61 -2.34 6.49
N PRO B 136 31.86 -2.57 6.07
CA PRO B 136 32.28 -3.86 5.50
C PRO B 136 31.95 -4.95 6.48
N VAL B 137 31.47 -6.11 6.02
CA VAL B 137 31.07 -7.22 6.89
C VAL B 137 31.81 -8.50 6.52
N LEU B 138 32.86 -8.82 7.26
CA LEU B 138 33.68 -9.97 6.91
C LEU B 138 33.82 -10.89 8.10
N LYS B 139 32.80 -10.89 8.95
CA LYS B 139 32.77 -11.71 10.15
C LYS B 139 33.41 -13.08 9.87
N GLN B 140 33.18 -13.60 8.67
CA GLN B 140 33.73 -14.87 8.27
C GLN B 140 34.09 -14.88 6.81
N ARG B 141 35.35 -15.15 6.53
CA ARG B 141 35.81 -15.22 5.16
C ARG B 141 37.21 -15.84 4.99
N SER B 142 37.26 -16.97 4.30
CA SER B 142 38.53 -17.64 4.01
C SER B 142 39.50 -16.63 3.43
N THR B 143 40.65 -16.49 4.07
CA THR B 143 41.62 -15.47 3.72
C THR B 143 41.89 -15.39 2.21
N GLU B 144 41.88 -16.55 1.54
CA GLU B 144 42.14 -16.57 0.11
C GLU B 144 41.20 -15.62 -0.64
N GLU B 145 39.96 -15.54 -0.18
CA GLU B 145 39.01 -14.63 -0.78
C GLU B 145 39.34 -13.21 -0.38
N LEU B 146 39.55 -13.00 0.92
CA LEU B 146 39.83 -11.67 1.45
C LEU B 146 40.98 -10.97 0.76
N TYR B 147 41.79 -11.73 0.04
CA TYR B 147 42.85 -11.11 -0.76
C TYR B 147 42.44 -11.06 -2.23
N SER B 148 41.64 -12.04 -2.65
CA SER B 148 41.00 -11.96 -3.95
C SER B 148 40.24 -10.65 -4.02
N LEU B 149 39.52 -10.34 -2.95
CA LEU B 149 38.73 -9.13 -2.86
C LEU B 149 39.55 -7.85 -2.77
N GLN B 150 40.67 -7.91 -2.05
CA GLN B 150 41.52 -6.74 -1.90
C GLN B 150 42.17 -6.33 -3.22
N SER B 151 42.21 -7.26 -4.18
CA SER B 151 42.82 -7.00 -5.47
C SER B 151 41.82 -6.34 -6.39
N LYS B 152 40.54 -6.67 -6.20
CA LYS B 152 39.46 -6.10 -7.02
C LYS B 152 38.91 -4.79 -6.46
N LEU B 153 38.97 -4.62 -5.14
CA LEU B 153 38.29 -3.53 -4.45
C LEU B 153 39.18 -2.41 -3.90
N PRO B 154 38.88 -1.16 -4.28
CA PRO B 154 39.60 0.03 -3.81
C PRO B 154 39.73 0.04 -2.28
N GLU B 155 40.90 0.36 -1.77
CA GLU B 155 41.15 0.34 -0.34
C GLU B 155 39.89 0.71 0.45
N TYR B 156 39.34 1.89 0.20
CA TYR B 156 38.29 2.48 1.04
C TYR B 156 37.02 1.67 1.26
N LEU B 157 36.85 0.59 0.52
CA LEU B 157 35.63 -0.21 0.63
C LEU B 157 35.78 -1.20 1.75
N PHE B 158 36.86 -1.05 2.50
CA PHE B 158 37.12 -1.93 3.63
C PHE B 158 37.10 -1.15 4.91
N GLU B 159 36.60 0.08 4.87
CA GLU B 159 36.49 0.93 6.05
C GLU B 159 35.13 1.57 6.06
N THR B 160 34.59 1.82 7.26
CA THR B 160 33.29 2.48 7.38
C THR B 160 33.31 3.85 6.71
N LEU B 161 32.21 4.22 6.09
CA LEU B 161 32.13 5.48 5.36
C LEU B 161 30.81 6.15 5.61
N SER B 162 30.64 7.36 5.07
CA SER B 162 29.39 8.11 5.23
C SER B 162 29.16 9.08 4.09
N PHE B 163 28.03 8.97 3.42
CA PHE B 163 27.68 9.82 2.30
C PHE B 163 26.19 10.11 2.31
N PRO B 164 25.77 11.12 1.56
CA PRO B 164 24.35 11.49 1.49
C PRO B 164 23.64 10.46 0.65
N LEU B 165 22.33 10.30 0.83
CA LEU B 165 21.58 9.30 0.06
C LEU B 165 21.77 9.48 -1.46
N SER B 166 21.86 10.74 -1.91
CA SER B 166 21.98 11.04 -3.33
C SER B 166 23.15 10.32 -3.97
N SER B 167 24.12 9.95 -3.15
CA SER B 167 25.36 9.36 -3.64
C SER B 167 25.29 7.85 -3.65
N LEU B 168 24.22 7.31 -3.05
CA LEU B 168 24.10 5.88 -2.89
C LEU B 168 24.25 5.13 -4.21
N ASN B 169 23.34 5.40 -5.14
CA ASN B 169 23.35 4.68 -6.41
C ASN B 169 24.75 4.68 -7.01
N GLN B 170 25.45 5.79 -6.84
CA GLN B 170 26.81 5.96 -7.34
C GLN B 170 27.76 4.97 -6.67
N PHE B 171 27.57 4.84 -5.36
CA PHE B 171 28.29 3.86 -4.61
C PHE B 171 28.05 2.49 -5.22
N TYR B 172 26.79 2.05 -5.20
CA TYR B 172 26.43 0.74 -5.74
C TYR B 172 27.18 0.43 -7.03
N ASN B 173 27.18 1.38 -7.96
CA ASN B 173 27.79 1.19 -9.26
C ASN B 173 29.26 0.89 -9.16
N LYS B 174 29.94 1.63 -8.29
CA LYS B 174 31.38 1.47 -8.12
C LYS B 174 31.73 0.07 -7.67
N ILE B 175 30.91 -0.49 -6.79
CA ILE B 175 31.14 -1.85 -6.29
C ILE B 175 30.88 -2.91 -7.35
N ALA B 176 29.85 -2.69 -8.16
CA ALA B 176 29.49 -3.61 -9.21
C ALA B 176 30.61 -3.66 -10.25
N LYS B 177 31.04 -2.48 -10.69
CA LYS B 177 32.10 -2.36 -11.69
C LYS B 177 33.38 -3.05 -11.28
N SER B 178 33.65 -3.09 -9.98
CA SER B 178 34.89 -3.66 -9.48
C SER B 178 34.76 -5.16 -9.32
N LEU B 179 33.53 -5.62 -9.13
CA LEU B 179 33.28 -7.03 -8.90
C LEU B 179 32.90 -7.73 -10.21
N ASP C 16 39.88 66.96 -11.17
CA ASP C 16 40.33 66.56 -12.49
C ASP C 16 40.60 65.08 -12.51
N SER C 17 41.82 64.72 -12.87
CA SER C 17 42.25 63.34 -12.93
C SER C 17 42.09 62.62 -11.57
N ALA C 18 42.56 63.25 -10.50
CA ALA C 18 42.45 62.68 -9.15
C ALA C 18 40.99 62.51 -8.70
N ASP C 19 40.20 63.56 -8.84
CA ASP C 19 38.79 63.53 -8.43
C ASP C 19 37.90 62.70 -9.37
N LEU C 20 38.05 62.90 -10.66
CA LEU C 20 37.29 62.11 -11.63
C LEU C 20 37.35 60.60 -11.33
N LEU C 21 38.54 60.07 -11.11
CA LEU C 21 38.68 58.65 -10.86
C LEU C 21 37.98 58.18 -9.58
N VAL C 22 38.20 58.87 -8.47
CA VAL C 22 37.49 58.56 -7.21
C VAL C 22 35.97 58.64 -7.32
N ALA C 23 35.47 59.66 -8.01
CA ALA C 23 34.05 59.80 -8.27
C ALA C 23 33.50 58.61 -9.09
N ASN C 24 34.34 58.02 -9.95
CA ASN C 24 33.90 56.87 -10.75
C ASN C 24 33.80 55.59 -9.94
N LEU C 25 34.68 55.47 -8.94
CA LEU C 25 34.61 54.36 -7.99
C LEU C 25 33.29 54.43 -7.31
N VAL C 26 32.98 55.66 -6.89
CA VAL C 26 31.77 55.97 -6.19
C VAL C 26 30.56 55.51 -6.99
N ASN C 27 30.54 55.85 -8.29
CA ASN C 27 29.50 55.36 -9.18
C ASN C 27 29.45 53.83 -9.13
N GLU C 28 30.62 53.19 -9.21
CA GLU C 28 30.70 51.75 -9.15
C GLU C 28 30.31 51.18 -7.79
N ASN C 29 30.64 51.90 -6.72
CA ASN C 29 30.28 51.44 -5.38
C ASN C 29 28.81 51.50 -5.12
N PHE C 30 28.15 52.45 -5.76
CA PHE C 30 26.70 52.47 -5.68
C PHE C 30 26.12 51.28 -6.43
N VAL C 31 26.44 51.15 -7.72
CA VAL C 31 25.93 50.04 -8.54
C VAL C 31 26.07 48.67 -7.85
N LEU C 32 27.20 48.45 -7.19
CA LEU C 32 27.41 47.19 -6.48
C LEU C 32 26.42 47.05 -5.34
N SER C 33 26.23 48.13 -4.57
CA SER C 33 25.33 48.09 -3.44
C SER C 33 23.86 47.80 -3.82
N GLU C 34 23.41 48.33 -4.96
CA GLU C 34 22.06 48.01 -5.45
C GLU C 34 21.97 46.59 -5.99
N LYS C 35 22.95 46.19 -6.80
CA LYS C 35 22.99 44.83 -7.34
C LYS C 35 23.10 43.80 -6.23
N LEU C 36 23.91 44.12 -5.21
CA LEU C 36 24.00 43.30 -3.99
C LEU C 36 22.67 43.26 -3.23
N ASP C 37 21.98 44.39 -3.18
CA ASP C 37 20.69 44.45 -2.49
C ASP C 37 19.64 43.62 -3.22
N THR C 38 19.67 43.68 -4.56
CA THR C 38 18.73 42.89 -5.36
C THR C 38 19.01 41.40 -5.20
N LYS C 39 20.22 41.03 -4.79
CA LYS C 39 20.49 39.63 -4.49
C LYS C 39 19.93 39.27 -3.12
N ALA C 40 20.08 40.16 -2.15
CA ALA C 40 19.51 39.95 -0.83
C ALA C 40 17.99 39.68 -0.84
N THR C 41 17.31 40.11 -1.92
CA THR C 41 15.88 39.85 -2.08
C THR C 41 15.62 38.48 -2.68
N GLU C 42 16.44 38.11 -3.66
CA GLU C 42 16.34 36.79 -4.28
C GLU C 42 16.70 35.68 -3.30
N ILE C 43 17.53 36.02 -2.30
CA ILE C 43 17.91 35.07 -1.26
C ILE C 43 16.75 34.87 -0.28
N LYS C 44 16.15 35.97 0.20
CA LYS C 44 15.01 35.89 1.10
C LYS C 44 13.86 35.09 0.47
N GLN C 45 13.61 35.35 -0.81
CA GLN C 45 12.54 34.67 -1.55
C GLN C 45 12.83 33.19 -1.68
N LEU C 46 14.08 32.87 -1.98
CA LEU C 46 14.42 31.49 -2.23
C LEU C 46 14.22 30.69 -0.96
N GLN C 47 14.71 31.22 0.16
CA GLN C 47 14.57 30.58 1.45
C GLN C 47 13.10 30.36 1.77
N LYS C 48 12.28 31.36 1.44
CA LYS C 48 10.85 31.29 1.70
C LYS C 48 10.18 30.21 0.86
N GLN C 49 10.48 30.24 -0.44
CA GLN C 49 10.02 29.24 -1.40
C GLN C 49 10.37 27.82 -0.98
N ILE C 50 11.61 27.61 -0.56
CA ILE C 50 12.06 26.32 -0.05
C ILE C 50 11.18 25.85 1.11
N ASP C 51 10.97 26.74 2.09
CA ASP C 51 10.12 26.42 3.22
C ASP C 51 8.68 26.05 2.83
N SER C 52 8.13 26.79 1.89
CA SER C 52 6.78 26.50 1.40
C SER C 52 6.74 25.13 0.73
N LEU C 53 7.74 24.86 -0.13
CA LEU C 53 7.83 23.57 -0.83
C LEU C 53 7.96 22.43 0.16
N ASN C 54 8.74 22.62 1.23
CA ASN C 54 8.87 21.61 2.29
C ASN C 54 7.55 21.24 2.96
N ALA C 55 6.76 22.24 3.36
CA ALA C 55 5.44 22.00 3.94
C ALA C 55 4.55 21.19 3.01
N GLN C 56 4.27 21.81 1.86
CA GLN C 56 3.50 21.20 0.77
C GLN C 56 3.85 19.74 0.58
N VAL C 57 5.15 19.46 0.45
CA VAL C 57 5.63 18.09 0.34
C VAL C 57 5.22 17.21 1.51
N LYS C 58 5.47 17.66 2.74
CA LYS C 58 5.04 16.93 3.94
C LYS C 58 3.52 16.66 4.01
N GLU C 59 2.70 17.68 3.74
CA GLU C 59 1.23 17.50 3.73
C GLU C 59 0.75 16.58 2.61
N LEU C 60 1.43 16.60 1.46
CA LEU C 60 1.12 15.68 0.38
C LEU C 60 1.49 14.25 0.74
N LYS C 61 2.48 14.10 1.60
CA LYS C 61 3.01 12.79 1.98
C LYS C 61 2.09 12.11 2.98
N THR C 62 1.49 12.90 3.85
CA THR C 62 0.56 12.38 4.83
C THR C 62 -0.75 12.00 4.16
N GLN C 63 -1.26 12.89 3.31
CA GLN C 63 -2.53 12.63 2.60
C GLN C 63 -2.46 11.42 1.68
N THR C 64 -1.33 11.23 1.01
CA THR C 64 -1.14 10.05 0.19
C THR C 64 -0.98 8.76 1.01
N SER C 65 -0.27 8.85 2.13
CA SER C 65 -0.11 7.71 3.02
C SER C 65 -1.41 7.35 3.75
N GLN C 66 -2.26 8.34 3.95
CA GLN C 66 -3.55 8.20 4.63
C GLN C 66 -4.64 7.69 3.70
N GLN C 67 -4.55 8.11 2.44
CA GLN C 67 -5.52 7.69 1.44
C GLN C 67 -5.41 6.20 1.20
N ALA C 68 -4.18 5.72 1.19
CA ALA C 68 -3.95 4.28 1.05
C ALA C 68 -4.69 3.51 2.13
N GLU C 69 -4.62 4.04 3.35
CA GLU C 69 -5.31 3.46 4.49
C GLU C 69 -6.80 3.31 4.23
N ASN C 70 -7.41 4.37 3.70
CA ASN C 70 -8.80 4.32 3.34
C ASN C 70 -9.08 3.21 2.34
N SER C 71 -8.34 3.23 1.25
CA SER C 71 -8.51 2.21 0.22
C SER C 71 -8.37 0.81 0.79
N GLU C 72 -7.44 0.61 1.71
CA GLU C 72 -7.30 -0.70 2.34
C GLU C 72 -8.55 -1.10 3.10
N VAL C 73 -9.09 -0.18 3.90
CA VAL C 73 -10.29 -0.48 4.67
C VAL C 73 -11.41 -0.94 3.78
N ILE C 74 -11.68 -0.15 2.75
CA ILE C 74 -12.68 -0.48 1.76
C ILE C 74 -12.44 -1.83 1.08
N LYS C 75 -11.21 -2.08 0.69
CA LYS C 75 -10.87 -3.38 0.11
C LYS C 75 -11.32 -4.55 1.03
N ASP C 76 -11.04 -4.49 2.33
CA ASP C 76 -11.47 -5.49 3.31
C ASP C 76 -13.01 -5.59 3.39
N LEU C 77 -13.68 -4.47 3.11
CA LEU C 77 -15.15 -4.43 3.17
C LEU C 77 -15.75 -5.33 2.13
N TYR C 78 -15.34 -5.13 0.90
CA TYR C 78 -15.87 -5.94 -0.20
C TYR C 78 -15.71 -7.42 0.06
N GLU C 79 -14.57 -7.82 0.62
CA GLU C 79 -14.36 -9.23 0.96
C GLU C 79 -15.45 -9.73 1.91
N TYR C 80 -15.81 -8.93 2.92
CA TYR C 80 -16.76 -9.35 3.94
C TYR C 80 -18.20 -9.27 3.44
N LEU C 81 -18.41 -8.45 2.41
CA LEU C 81 -19.74 -8.19 1.88
C LEU C 81 -20.06 -8.91 0.58
N CYS C 82 -19.04 -9.21 -0.21
CA CYS C 82 -19.26 -9.87 -1.49
C CYS C 82 -18.51 -11.18 -1.61
N ASN C 83 -17.85 -11.58 -0.54
CA ASN C 83 -16.99 -12.75 -0.54
C ASN C 83 -16.12 -12.85 -1.80
N VAL C 84 -15.69 -11.72 -2.33
CA VAL C 84 -14.80 -11.73 -3.47
C VAL C 84 -13.70 -10.67 -3.44
N ARG C 85 -12.48 -11.08 -3.75
CA ARG C 85 -11.39 -10.14 -3.71
C ARG C 85 -10.59 -10.06 -5.00
N VAL C 86 -10.30 -8.82 -5.40
CA VAL C 86 -9.53 -8.57 -6.59
C VAL C 86 -8.07 -8.39 -6.23
N HIS C 87 -7.24 -9.35 -6.58
CA HIS C 87 -5.82 -9.26 -6.25
C HIS C 87 -4.99 -8.21 -7.00
N LYS C 88 -4.95 -8.25 -8.33
CA LYS C 88 -4.07 -7.34 -9.09
C LYS C 88 -4.67 -6.89 -10.41
N SER C 89 -3.87 -6.20 -11.21
CA SER C 89 -4.30 -5.84 -12.56
C SER C 89 -3.09 -5.61 -13.51
N TYR C 90 -3.15 -6.19 -14.71
CA TYR C 90 -2.10 -6.05 -15.71
C TYR C 90 -2.74 -5.54 -17.00
N GLU C 91 -1.94 -4.97 -17.88
CA GLU C 91 -2.46 -4.57 -19.17
C GLU C 91 -1.47 -4.99 -20.26
N ASP C 92 -1.62 -6.22 -20.78
CA ASP C 92 -0.71 -6.74 -21.80
C ASP C 92 -1.06 -6.30 -23.21
N ASP C 93 -0.53 -5.14 -23.60
CA ASP C 93 -0.89 -4.53 -24.85
C ASP C 93 -2.40 -4.46 -24.87
N SER C 94 -3.01 -5.45 -25.51
CA SER C 94 -4.46 -5.51 -25.65
C SER C 94 -5.13 -6.28 -24.52
N GLY C 95 -5.83 -5.54 -23.67
CA GLY C 95 -6.64 -6.14 -22.62
C GLY C 95 -6.04 -6.05 -21.24
N LEU C 96 -6.87 -5.72 -20.26
CA LEU C 96 -6.40 -5.75 -18.88
C LEU C 96 -6.97 -6.94 -18.13
N TRP C 97 -6.31 -7.36 -17.07
CA TRP C 97 -6.65 -8.60 -16.44
C TRP C 97 -6.65 -8.43 -14.95
N PHE C 98 -7.53 -9.15 -14.27
CA PHE C 98 -7.57 -9.11 -12.82
C PHE C 98 -7.64 -10.51 -12.26
N ASP C 99 -6.76 -10.85 -11.31
CA ASP C 99 -6.94 -12.14 -10.64
C ASP C 99 -8.10 -11.98 -9.68
N ILE C 100 -8.80 -13.07 -9.39
CA ILE C 100 -9.92 -12.99 -8.48
C ILE C 100 -9.97 -14.21 -7.59
N SER C 101 -10.32 -14.00 -6.34
CA SER C 101 -10.61 -15.10 -5.47
C SER C 101 -11.98 -14.88 -4.89
N GLN C 102 -12.90 -15.75 -5.28
CA GLN C 102 -14.26 -15.72 -4.80
C GLN C 102 -14.62 -17.03 -4.10
N GLY C 103 -15.60 -16.92 -3.21
CA GLY C 103 -16.11 -18.01 -2.41
C GLY C 103 -16.16 -17.68 -0.93
N THR C 104 -16.68 -18.60 -0.14
CA THR C 104 -16.78 -18.44 1.28
C THR C 104 -15.61 -19.22 1.80
N HIS C 105 -15.20 -18.86 3.01
CA HIS C 105 -14.07 -19.52 3.66
C HIS C 105 -14.53 -20.71 4.49
N SER C 114 -13.55 -24.84 -1.42
CA SER C 114 -14.75 -24.01 -1.54
C SER C 114 -14.47 -22.53 -1.88
N ILE C 115 -13.30 -22.26 -2.46
CA ILE C 115 -12.90 -20.95 -2.98
C ILE C 115 -12.36 -21.16 -4.39
N MET C 116 -12.85 -20.37 -5.35
CA MET C 116 -12.37 -20.52 -6.74
C MET C 116 -11.60 -19.32 -7.31
N ASP C 117 -10.32 -19.52 -7.63
CA ASP C 117 -9.53 -18.45 -8.20
C ASP C 117 -9.69 -18.45 -9.70
N TYR C 118 -9.82 -17.27 -10.28
CA TYR C 118 -9.81 -17.18 -11.72
C TYR C 118 -9.43 -15.79 -12.14
N LYS C 119 -9.37 -15.57 -13.45
CA LYS C 119 -8.95 -14.27 -13.99
C LYS C 119 -9.97 -13.78 -14.96
N LEU C 120 -10.08 -12.46 -15.08
CA LEU C 120 -11.00 -11.84 -16.03
C LEU C 120 -10.27 -10.90 -16.94
N GLY C 121 -10.53 -11.03 -18.24
CA GLY C 121 -9.88 -10.22 -19.23
C GLY C 121 -10.90 -9.33 -19.90
N PHE C 122 -10.48 -8.11 -20.23
CA PHE C 122 -11.37 -7.17 -20.89
C PHE C 122 -10.68 -6.59 -22.12
N VAL C 123 -11.26 -6.84 -23.29
CA VAL C 123 -10.68 -6.42 -24.56
C VAL C 123 -11.56 -5.41 -25.29
N LYS C 124 -10.91 -4.42 -25.89
CA LYS C 124 -11.61 -3.36 -26.57
C LYS C 124 -10.86 -3.00 -27.83
N GLY C 125 -11.59 -2.58 -28.85
CA GLY C 125 -10.98 -2.16 -30.10
C GLY C 125 -11.84 -1.15 -30.82
N VAL C 129 -17.96 -1.06 -28.25
CA VAL C 129 -18.01 -2.48 -27.95
C VAL C 129 -17.10 -2.80 -26.78
N THR C 130 -17.49 -3.85 -26.05
CA THR C 130 -16.68 -4.41 -24.96
C THR C 130 -16.99 -5.88 -24.85
N GLU C 131 -16.06 -6.64 -24.31
CA GLU C 131 -16.28 -8.08 -24.14
C GLU C 131 -15.39 -8.62 -23.03
N VAL C 132 -15.81 -9.73 -22.42
CA VAL C 132 -15.11 -10.31 -21.27
C VAL C 132 -14.61 -11.74 -21.50
N ILE C 133 -13.61 -12.15 -20.75
CA ILE C 133 -13.06 -13.50 -20.84
C ILE C 133 -12.81 -14.11 -19.47
N TYR C 134 -13.41 -15.26 -19.23
CA TYR C 134 -13.23 -15.95 -17.97
C TYR C 134 -12.09 -16.95 -18.14
N ALA C 135 -11.53 -17.45 -17.04
CA ALA C 135 -10.36 -18.31 -17.16
C ALA C 135 -9.97 -18.96 -15.84
N PRO C 136 -10.47 -20.16 -15.59
CA PRO C 136 -10.21 -20.84 -14.32
C PRO C 136 -8.72 -20.81 -13.98
N VAL C 137 -8.37 -20.57 -12.71
CA VAL C 137 -6.97 -20.51 -12.28
C VAL C 137 -6.70 -21.53 -11.18
N LEU C 138 -6.08 -22.64 -11.55
CA LEU C 138 -5.86 -23.73 -10.61
C LEU C 138 -4.39 -24.13 -10.59
N LYS C 139 -3.52 -23.17 -10.88
CA LYS C 139 -2.09 -23.38 -10.86
C LYS C 139 -1.67 -24.30 -9.72
N GLN C 140 -2.33 -24.14 -8.57
CA GLN C 140 -2.01 -24.93 -7.41
C GLN C 140 -3.27 -25.23 -6.61
N ARG C 141 -3.57 -26.51 -6.41
CA ARG C 141 -4.80 -26.89 -5.72
C ARG C 141 -4.78 -28.38 -5.33
N SER C 142 -4.72 -28.65 -4.03
CA SER C 142 -4.78 -30.03 -3.53
C SER C 142 -5.98 -30.73 -4.15
N THR C 143 -5.73 -31.85 -4.83
CA THR C 143 -6.77 -32.53 -5.58
C THR C 143 -8.07 -32.70 -4.81
N GLU C 144 -7.96 -32.95 -3.52
CA GLU C 144 -9.15 -33.12 -2.68
C GLU C 144 -10.12 -31.96 -2.85
N GLU C 145 -9.58 -30.75 -2.99
CA GLU C 145 -10.40 -29.58 -3.21
C GLU C 145 -10.93 -29.62 -4.63
N LEU C 146 -10.04 -29.85 -5.58
CA LEU C 146 -10.38 -29.82 -7.00
C LEU C 146 -11.55 -30.73 -7.34
N TYR C 147 -11.88 -31.67 -6.44
CA TYR C 147 -13.05 -32.52 -6.64
C TYR C 147 -14.20 -32.05 -5.79
N SER C 148 -13.88 -31.48 -4.63
CA SER C 148 -14.88 -30.78 -3.83
C SER C 148 -15.51 -29.70 -4.72
N LEU C 149 -14.67 -28.99 -5.45
CA LEU C 149 -15.13 -27.95 -6.35
C LEU C 149 -15.92 -28.49 -7.53
N GLN C 150 -15.51 -29.62 -8.07
CA GLN C 150 -16.18 -30.17 -9.24
C GLN C 150 -17.57 -30.68 -8.92
N SER C 151 -17.83 -30.87 -7.63
CA SER C 151 -19.13 -31.34 -7.20
C SER C 151 -20.08 -30.16 -7.01
N LYS C 152 -19.53 -29.00 -6.68
CA LYS C 152 -20.32 -27.79 -6.46
C LYS C 152 -20.49 -26.97 -7.74
N LEU C 153 -19.54 -27.07 -8.66
CA LEU C 153 -19.48 -26.18 -9.83
C LEU C 153 -19.79 -26.81 -11.18
N PRO C 154 -20.73 -26.18 -11.91
CA PRO C 154 -21.16 -26.63 -13.23
C PRO C 154 -19.94 -26.80 -14.12
N GLU C 155 -19.91 -27.88 -14.89
CA GLU C 155 -18.77 -28.19 -15.76
C GLU C 155 -18.08 -26.97 -16.35
N TYR C 156 -18.85 -26.16 -17.08
CA TYR C 156 -18.30 -25.06 -17.87
C TYR C 156 -17.45 -24.03 -17.11
N LEU C 157 -17.51 -24.04 -15.78
CA LEU C 157 -16.75 -23.06 -15.02
C LEU C 157 -15.32 -23.50 -14.92
N PHE C 158 -14.99 -24.57 -15.62
CA PHE C 158 -13.63 -25.06 -15.59
C PHE C 158 -12.96 -24.87 -16.94
N GLU C 159 -13.59 -24.07 -17.78
CA GLU C 159 -13.06 -23.81 -19.11
C GLU C 159 -13.20 -22.36 -19.46
N THR C 160 -12.27 -21.86 -20.26
CA THR C 160 -12.30 -20.48 -20.68
C THR C 160 -13.60 -20.13 -21.40
N LEU C 161 -14.15 -18.94 -21.13
CA LEU C 161 -15.46 -18.54 -21.68
C LEU C 161 -15.42 -17.10 -22.15
N SER C 162 -16.51 -16.64 -22.74
CA SER C 162 -16.58 -15.26 -23.23
C SER C 162 -17.98 -14.74 -23.32
N PHE C 163 -18.23 -13.62 -22.67
CA PHE C 163 -19.57 -13.04 -22.64
C PHE C 163 -19.49 -11.53 -22.63
N PRO C 164 -20.61 -10.85 -22.91
CA PRO C 164 -20.61 -9.39 -22.94
C PRO C 164 -20.64 -8.90 -21.53
N LEU C 165 -20.21 -7.66 -21.31
CA LEU C 165 -20.12 -7.12 -19.96
C LEU C 165 -21.46 -7.19 -19.25
N SER C 166 -22.52 -7.00 -20.00
CA SER C 166 -23.86 -6.97 -19.43
C SER C 166 -24.18 -8.24 -18.68
N SER C 167 -23.45 -9.30 -19.00
CA SER C 167 -23.75 -10.59 -18.43
C SER C 167 -22.91 -10.88 -17.20
N LEU C 168 -21.95 -10.02 -16.95
CA LEU C 168 -20.98 -10.24 -15.89
C LEU C 168 -21.66 -10.48 -14.56
N ASN C 169 -22.40 -9.50 -14.09
CA ASN C 169 -23.04 -9.62 -12.80
C ASN C 169 -23.78 -10.96 -12.64
N GLN C 170 -24.39 -11.39 -13.74
CA GLN C 170 -25.12 -12.66 -13.80
C GLN C 170 -24.17 -13.83 -13.56
N PHE C 171 -23.01 -13.76 -14.20
CA PHE C 171 -21.94 -14.72 -13.96
C PHE C 171 -21.64 -14.77 -12.48
N TYR C 172 -21.20 -13.64 -11.95
CA TYR C 172 -20.87 -13.55 -10.53
C TYR C 172 -21.86 -14.30 -9.66
N ASN C 173 -23.13 -14.05 -9.89
CA ASN C 173 -24.16 -14.66 -9.08
C ASN C 173 -24.20 -16.17 -9.17
N LYS C 174 -24.00 -16.69 -10.37
CA LYS C 174 -24.01 -18.14 -10.56
C LYS C 174 -22.95 -18.80 -9.73
N ILE C 175 -21.79 -18.16 -9.67
CA ILE C 175 -20.68 -18.73 -8.94
C ILE C 175 -20.89 -18.66 -7.42
N ALA C 176 -21.48 -17.57 -6.97
CA ALA C 176 -21.77 -17.41 -5.55
C ALA C 176 -22.78 -18.45 -5.10
N LYS C 177 -23.84 -18.60 -5.88
CA LYS C 177 -24.92 -19.54 -5.56
C LYS C 177 -24.44 -20.98 -5.48
N SER C 178 -23.39 -21.31 -6.24
CA SER C 178 -22.87 -22.67 -6.24
C SER C 178 -21.84 -22.90 -5.13
N LEU C 179 -21.26 -21.81 -4.64
CA LEU C 179 -20.23 -21.88 -3.61
C LEU C 179 -20.83 -21.60 -2.24
N PRO D 3 55.36 80.84 7.69
CA PRO D 3 54.41 80.84 6.57
C PRO D 3 54.56 79.58 5.70
N LEU D 4 55.71 79.34 5.07
CA LEU D 4 55.91 78.08 4.35
C LEU D 4 55.57 76.93 5.30
N THR D 5 55.59 77.26 6.59
CA THR D 5 55.21 76.34 7.65
C THR D 5 53.77 75.87 7.47
N VAL D 6 52.84 76.82 7.42
CA VAL D 6 51.41 76.52 7.30
C VAL D 6 51.04 75.90 5.95
N TYR D 7 51.66 76.39 4.88
CA TYR D 7 51.52 75.81 3.55
C TYR D 7 51.85 74.31 3.58
N LYS D 8 53.00 73.97 4.14
CA LYS D 8 53.40 72.58 4.24
C LYS D 8 52.32 71.77 4.97
N ASN D 9 51.79 72.32 6.07
CA ASN D 9 50.78 71.64 6.85
C ASN D 9 49.48 71.39 6.09
N SER D 10 49.12 72.32 5.21
CA SER D 10 47.97 72.15 4.32
C SER D 10 48.14 70.99 3.35
N VAL D 11 49.14 71.12 2.49
CA VAL D 11 49.46 70.11 1.50
C VAL D 11 49.42 68.73 2.14
N LYS D 12 49.98 68.63 3.35
CA LYS D 12 49.97 67.40 4.13
C LYS D 12 48.57 66.93 4.55
N GLN D 13 47.72 67.87 4.98
CA GLN D 13 46.35 67.55 5.42
C GLN D 13 45.50 67.21 4.21
N GLN D 14 45.79 67.87 3.10
CA GLN D 14 45.06 67.61 1.89
C GLN D 14 45.46 66.24 1.35
N ILE D 15 46.73 65.91 1.49
CA ILE D 15 47.23 64.60 1.05
C ILE D 15 46.77 63.44 1.94
N ASP D 16 46.54 63.68 3.23
CA ASP D 16 46.09 62.62 4.13
C ASP D 16 44.58 62.47 4.11
N SER D 17 43.90 63.61 4.00
CA SER D 17 42.45 63.63 3.82
C SER D 17 42.15 63.04 2.46
N ALA D 18 42.85 63.53 1.45
CA ALA D 18 42.75 62.95 0.11
C ALA D 18 42.92 61.42 0.11
N ASP D 19 43.98 60.94 0.76
CA ASP D 19 44.26 59.49 0.84
C ASP D 19 43.27 58.72 1.72
N LEU D 20 43.04 59.21 2.94
CA LEU D 20 42.07 58.58 3.83
C LEU D 20 40.74 58.24 3.13
N LEU D 21 40.15 59.22 2.45
CA LEU D 21 38.87 59.02 1.79
C LEU D 21 38.92 57.91 0.75
N VAL D 22 39.90 57.98 -0.15
CA VAL D 22 40.10 56.96 -1.18
C VAL D 22 40.34 55.55 -0.61
N ALA D 23 41.16 55.47 0.43
CA ALA D 23 41.38 54.22 1.14
C ALA D 23 40.08 53.65 1.75
N ASN D 24 39.16 54.53 2.14
CA ASN D 24 37.89 54.05 2.68
C ASN D 24 36.93 53.51 1.62
N LEU D 25 37.05 54.03 0.40
CA LEU D 25 36.26 53.54 -0.73
C LEU D 25 36.69 52.17 -1.11
N VAL D 26 37.93 52.16 -1.56
CA VAL D 26 38.58 50.98 -2.06
C VAL D 26 38.30 49.86 -1.08
N ASN D 27 38.57 50.09 0.19
CA ASN D 27 38.26 49.12 1.22
C ASN D 27 36.78 48.72 1.18
N GLU D 28 35.89 49.71 1.03
CA GLU D 28 34.46 49.44 0.96
C GLU D 28 34.07 48.70 -0.34
N ASN D 29 34.76 49.01 -1.43
CA ASN D 29 34.50 48.37 -2.72
C ASN D 29 34.90 46.91 -2.70
N PHE D 30 35.96 46.59 -1.97
CA PHE D 30 36.32 45.19 -1.79
C PHE D 30 35.23 44.49 -0.99
N VAL D 31 34.98 44.95 0.24
CA VAL D 31 33.98 44.34 1.11
C VAL D 31 32.65 44.08 0.39
N LEU D 32 32.21 45.01 -0.44
CA LEU D 32 30.96 44.82 -1.17
C LEU D 32 31.10 43.64 -2.12
N SER D 33 32.23 43.58 -2.82
CA SER D 33 32.45 42.53 -3.82
C SER D 33 32.46 41.10 -3.21
N GLU D 34 33.02 40.96 -2.01
CA GLU D 34 33.02 39.67 -1.34
C GLU D 34 31.61 39.34 -0.80
N LYS D 35 30.97 40.32 -0.17
CA LYS D 35 29.64 40.06 0.36
C LYS D 35 28.71 39.67 -0.77
N LEU D 36 29.03 40.08 -2.00
CA LEU D 36 28.16 39.82 -3.14
C LEU D 36 28.47 38.50 -3.82
N ASP D 37 29.74 38.15 -3.90
CA ASP D 37 30.11 36.89 -4.51
C ASP D 37 29.68 35.69 -3.66
N THR D 38 29.81 35.84 -2.34
CA THR D 38 29.37 34.80 -1.42
C THR D 38 27.85 34.58 -1.48
N LYS D 39 27.12 35.59 -1.94
CA LYS D 39 25.67 35.41 -2.14
C LYS D 39 25.43 34.64 -3.43
N ALA D 40 26.19 34.96 -4.47
CA ALA D 40 26.08 34.26 -5.74
C ALA D 40 26.31 32.75 -5.61
N THR D 41 26.98 32.30 -4.55
CA THR D 41 27.15 30.86 -4.34
C THR D 41 25.97 30.28 -3.59
N GLU D 42 25.46 31.01 -2.61
CA GLU D 42 24.28 30.57 -1.90
C GLU D 42 23.07 30.50 -2.82
N ILE D 43 23.07 31.32 -3.87
CA ILE D 43 21.97 31.33 -4.83
C ILE D 43 22.06 30.12 -5.74
N LYS D 44 23.25 29.82 -6.25
CA LYS D 44 23.45 28.65 -7.09
C LYS D 44 23.07 27.37 -6.33
N GLN D 45 23.45 27.31 -5.06
CA GLN D 45 23.16 26.15 -4.21
C GLN D 45 21.69 25.98 -3.89
N LEU D 46 21.03 27.10 -3.56
CA LEU D 46 19.60 27.13 -3.27
C LEU D 46 18.79 26.76 -4.49
N GLN D 47 19.18 27.28 -5.65
CA GLN D 47 18.53 26.97 -6.91
C GLN D 47 18.55 25.47 -7.18
N LYS D 48 19.69 24.86 -6.89
CA LYS D 48 19.84 23.42 -7.08
C LYS D 48 18.92 22.65 -6.14
N GLN D 49 18.94 23.02 -4.86
CA GLN D 49 18.06 22.41 -3.85
C GLN D 49 16.59 22.49 -4.23
N ILE D 50 16.15 23.65 -4.69
CA ILE D 50 14.78 23.82 -5.15
C ILE D 50 14.44 22.86 -6.29
N ASP D 51 15.32 22.76 -7.29
CA ASP D 51 15.12 21.82 -8.40
C ASP D 51 14.99 20.38 -7.91
N SER D 52 15.86 19.98 -6.99
CA SER D 52 15.81 18.64 -6.40
C SER D 52 14.49 18.40 -5.67
N LEU D 53 14.08 19.36 -4.85
CA LEU D 53 12.81 19.25 -4.10
C LEU D 53 11.64 19.14 -5.04
N ASN D 54 11.66 19.88 -6.15
CA ASN D 54 10.60 19.81 -7.17
C ASN D 54 10.43 18.43 -7.78
N ALA D 55 11.55 17.81 -8.16
CA ALA D 55 11.49 16.42 -8.63
C ALA D 55 10.71 15.57 -7.62
N GLN D 56 10.80 15.94 -6.34
CA GLN D 56 10.07 15.21 -5.28
C GLN D 56 8.55 15.43 -5.30
N VAL D 57 8.11 16.69 -5.22
CA VAL D 57 6.68 17.02 -5.31
C VAL D 57 6.03 16.48 -6.57
N LYS D 58 6.63 16.76 -7.74
CA LYS D 58 6.12 16.21 -9.01
C LYS D 58 6.06 14.67 -9.08
N GLU D 59 7.13 13.99 -8.68
CA GLU D 59 7.08 12.52 -8.62
C GLU D 59 6.04 11.96 -7.62
N LEU D 60 5.87 12.61 -6.48
CA LEU D 60 4.85 12.21 -5.51
C LEU D 60 3.43 12.39 -6.09
N LYS D 61 3.30 13.37 -6.98
CA LYS D 61 2.00 13.72 -7.55
C LYS D 61 1.56 12.72 -8.59
N THR D 62 2.53 12.21 -9.35
CA THR D 62 2.24 11.19 -10.34
C THR D 62 1.94 9.86 -9.67
N GLN D 63 2.76 9.47 -8.70
CA GLN D 63 2.58 8.20 -8.00
C GLN D 63 1.24 8.14 -7.28
N THR D 64 0.81 9.26 -6.69
CA THR D 64 -0.49 9.29 -6.00
C THR D 64 -1.66 9.28 -6.98
N SER D 65 -1.49 9.96 -8.11
CA SER D 65 -2.53 9.99 -9.13
C SER D 65 -2.59 8.64 -9.85
N GLN D 66 -1.47 7.93 -9.85
CA GLN D 66 -1.46 6.62 -10.48
C GLN D 66 -2.22 5.59 -9.66
N GLN D 67 -2.02 5.61 -8.35
CA GLN D 67 -2.69 4.67 -7.46
C GLN D 67 -4.18 4.93 -7.47
N ALA D 68 -4.56 6.19 -7.51
CA ALA D 68 -5.96 6.54 -7.59
C ALA D 68 -6.57 5.88 -8.83
N GLU D 69 -5.85 5.95 -9.93
CA GLU D 69 -6.28 5.32 -11.17
C GLU D 69 -6.57 3.82 -10.99
N ASN D 70 -5.67 3.11 -10.35
CA ASN D 70 -5.89 1.69 -10.04
C ASN D 70 -7.17 1.50 -9.25
N SER D 71 -7.29 2.21 -8.13
CA SER D 71 -8.48 2.12 -7.29
C SER D 71 -9.77 2.39 -8.08
N GLU D 72 -9.72 3.34 -9.01
CA GLU D 72 -10.86 3.59 -9.87
C GLU D 72 -11.23 2.39 -10.74
N VAL D 73 -10.24 1.82 -11.40
CA VAL D 73 -10.49 0.64 -12.22
C VAL D 73 -11.18 -0.44 -11.43
N ILE D 74 -10.59 -0.78 -10.29
CA ILE D 74 -11.18 -1.79 -9.42
C ILE D 74 -12.60 -1.45 -8.97
N LYS D 75 -12.83 -0.22 -8.55
CA LYS D 75 -14.18 0.18 -8.21
C LYS D 75 -15.12 0.00 -9.39
N ASP D 76 -14.74 0.54 -10.53
CA ASP D 76 -15.56 0.42 -11.72
C ASP D 76 -15.89 -1.05 -11.94
N LEU D 77 -14.93 -1.93 -11.68
CA LEU D 77 -15.18 -3.37 -11.80
C LEU D 77 -16.29 -3.81 -10.87
N TYR D 78 -16.12 -3.54 -9.58
CA TYR D 78 -17.12 -3.91 -8.59
C TYR D 78 -18.52 -3.44 -8.95
N GLU D 79 -18.61 -2.21 -9.46
CA GLU D 79 -19.90 -1.71 -9.88
C GLU D 79 -20.52 -2.60 -10.98
N TYR D 80 -19.71 -3.07 -11.92
CA TYR D 80 -20.23 -3.88 -13.04
C TYR D 80 -20.49 -5.31 -12.63
N LEU D 81 -19.81 -5.73 -11.58
CA LEU D 81 -19.87 -7.10 -11.14
C LEU D 81 -20.78 -7.35 -9.93
N CYS D 82 -20.94 -6.34 -9.08
CA CYS D 82 -21.74 -6.49 -7.88
C CYS D 82 -22.88 -5.48 -7.81
N ASN D 83 -23.00 -4.70 -8.86
CA ASN D 83 -23.97 -3.61 -8.89
C ASN D 83 -24.04 -2.83 -7.58
N VAL D 84 -22.90 -2.64 -6.93
CA VAL D 84 -22.84 -1.83 -5.72
C VAL D 84 -21.59 -0.98 -5.62
N ARG D 85 -21.77 0.29 -5.27
CA ARG D 85 -20.62 1.15 -5.13
C ARG D 85 -20.51 1.82 -3.76
N VAL D 86 -19.28 1.83 -3.26
CA VAL D 86 -18.99 2.49 -2.01
C VAL D 86 -18.44 3.89 -2.21
N HIS D 87 -19.24 4.88 -1.86
CA HIS D 87 -18.86 6.26 -2.10
C HIS D 87 -17.76 6.80 -1.22
N LYS D 88 -17.92 6.76 0.10
CA LYS D 88 -16.92 7.38 0.96
C LYS D 88 -16.72 6.64 2.27
N SER D 89 -15.95 7.23 3.19
CA SER D 89 -15.80 6.69 4.54
C SER D 89 -15.43 7.78 5.57
N TYR D 90 -16.16 7.84 6.68
CA TYR D 90 -15.83 8.74 7.79
C TYR D 90 -15.59 7.95 9.07
N GLU D 91 -15.00 8.58 10.06
CA GLU D 91 -14.79 7.92 11.34
C GLU D 91 -15.04 8.92 12.47
N ASP D 92 -16.32 9.02 12.87
CA ASP D 92 -16.77 9.97 13.89
C ASP D 92 -16.54 9.43 15.29
N ASP D 93 -15.33 9.68 15.81
CA ASP D 93 -14.92 9.08 17.06
C ASP D 93 -15.19 7.58 16.98
N SER D 94 -16.33 7.17 17.52
CA SER D 94 -16.71 5.77 17.57
C SER D 94 -17.50 5.35 16.34
N GLY D 95 -16.83 4.57 15.48
CA GLY D 95 -17.45 3.95 14.32
C GLY D 95 -17.11 4.61 13.00
N LEU D 96 -16.82 3.78 11.99
CA LEU D 96 -16.69 4.28 10.62
C LEU D 96 -17.93 4.00 9.75
N TRP D 97 -18.13 4.85 8.75
CA TRP D 97 -19.37 4.82 8.00
C TRP D 97 -19.07 4.85 6.53
N PHE D 98 -19.91 4.20 5.73
CA PHE D 98 -19.71 4.18 4.29
C PHE D 98 -21.02 4.40 3.59
N ASP D 99 -21.06 5.36 2.69
CA ASP D 99 -22.26 5.52 1.88
C ASP D 99 -22.27 4.44 0.84
N ILE D 100 -23.45 3.97 0.46
CA ILE D 100 -23.53 2.92 -0.53
C ILE D 100 -24.65 3.19 -1.50
N SER D 101 -24.40 2.84 -2.75
CA SER D 101 -25.45 2.86 -3.74
C SER D 101 -25.48 1.50 -4.40
N GLN D 102 -26.55 0.77 -4.12
CA GLN D 102 -26.77 -0.54 -4.67
C GLN D 102 -28.03 -0.55 -5.50
N GLY D 103 -28.04 -1.48 -6.46
CA GLY D 103 -29.17 -1.67 -7.37
C GLY D 103 -28.76 -1.91 -8.83
N MET D 116 -31.03 1.87 -4.41
CA MET D 116 -31.22 2.27 -3.01
C MET D 116 -29.94 2.72 -2.31
N ASP D 117 -29.91 3.99 -1.92
CA ASP D 117 -28.78 4.50 -1.18
C ASP D 117 -28.95 4.24 0.30
N TYR D 118 -27.87 3.83 0.96
CA TYR D 118 -27.90 3.74 2.41
C TYR D 118 -26.51 3.83 2.96
N LYS D 119 -26.41 3.75 4.28
CA LYS D 119 -25.14 3.91 4.96
C LYS D 119 -24.95 2.75 5.90
N LEU D 120 -23.69 2.35 6.12
CA LEU D 120 -23.36 1.27 7.05
C LEU D 120 -22.37 1.74 8.08
N GLY D 121 -22.68 1.46 9.33
CA GLY D 121 -21.80 1.84 10.42
C GLY D 121 -21.20 0.62 11.08
N PHE D 122 -19.95 0.73 11.50
CA PHE D 122 -19.29 -0.37 12.19
C PHE D 122 -18.71 0.13 13.52
N VAL D 123 -19.20 -0.43 14.63
CA VAL D 123 -18.77 -0.04 15.97
C VAL D 123 -18.03 -1.14 16.70
N THR D 130 -17.78 -7.25 17.25
CA THR D 130 -18.08 -6.36 16.13
C THR D 130 -19.59 -6.35 15.87
N GLU D 131 -20.09 -5.26 15.29
CA GLU D 131 -21.51 -5.14 14.97
C GLU D 131 -21.75 -4.08 13.90
N VAL D 132 -22.88 -4.22 13.20
CA VAL D 132 -23.18 -3.37 12.04
C VAL D 132 -24.49 -2.61 12.19
N ILE D 133 -24.61 -1.49 11.48
CA ILE D 133 -25.83 -0.69 11.52
C ILE D 133 -26.24 -0.24 10.12
N TYR D 134 -27.47 -0.55 9.75
CA TYR D 134 -27.99 -0.16 8.45
C TYR D 134 -28.75 1.14 8.63
N ALA D 135 -29.07 1.82 7.53
CA ALA D 135 -29.65 3.15 7.65
C ALA D 135 -30.08 3.75 6.31
N PRO D 136 -31.33 3.50 5.91
CA PRO D 136 -31.79 3.99 4.61
C PRO D 136 -31.41 5.45 4.40
N VAL D 137 -31.01 5.82 3.19
CA VAL D 137 -30.60 7.19 2.88
C VAL D 137 -31.43 7.71 1.72
N LEU D 138 -32.44 8.52 2.03
CA LEU D 138 -33.36 9.01 1.03
C LEU D 138 -33.45 10.54 1.07
N LYS D 139 -32.37 11.16 1.51
CA LYS D 139 -32.27 12.63 1.60
C LYS D 139 -32.97 13.29 0.41
N GLN D 140 -32.86 12.67 -0.77
CA GLN D 140 -33.46 13.20 -1.98
C GLN D 140 -33.93 12.08 -2.90
N ARG D 141 -35.24 12.05 -3.19
CA ARG D 141 -35.81 10.99 -4.00
C ARG D 141 -37.21 11.36 -4.50
N SER D 142 -37.33 11.55 -5.82
CA SER D 142 -38.63 11.80 -6.43
C SER D 142 -39.61 10.75 -5.93
N THR D 143 -40.71 11.19 -5.34
CA THR D 143 -41.67 10.28 -4.72
C THR D 143 -42.03 9.10 -5.61
N GLU D 144 -42.12 9.31 -6.91
CA GLU D 144 -42.46 8.24 -7.84
C GLU D 144 -41.54 7.04 -7.64
N GLU D 145 -40.26 7.29 -7.39
CA GLU D 145 -39.31 6.24 -7.11
C GLU D 145 -39.59 5.65 -5.74
N LEU D 146 -39.70 6.53 -4.75
CA LEU D 146 -39.89 6.10 -3.35
C LEU D 146 -41.05 5.13 -3.16
N TYR D 147 -41.94 5.06 -4.15
CA TYR D 147 -43.04 4.09 -4.12
C TYR D 147 -42.72 2.89 -5.03
N SER D 148 -42.01 3.16 -6.12
CA SER D 148 -41.46 2.08 -6.92
C SER D 148 -40.64 1.18 -6.00
N LEU D 149 -39.83 1.81 -5.16
CA LEU D 149 -38.98 1.10 -4.20
C LEU D 149 -39.78 0.39 -3.12
N GLN D 150 -40.86 1.01 -2.63
CA GLN D 150 -41.65 0.40 -1.56
C GLN D 150 -42.37 -0.86 -2.04
N SER D 151 -42.50 -1.00 -3.36
CA SER D 151 -43.17 -2.16 -3.94
C SER D 151 -42.21 -3.33 -4.08
N LYS D 152 -40.93 -3.00 -4.27
CA LYS D 152 -39.90 -4.01 -4.44
C LYS D 152 -39.23 -4.43 -3.11
N LEU D 153 -39.19 -3.51 -2.14
CA LEU D 153 -38.43 -3.71 -0.91
C LEU D 153 -39.26 -3.99 0.36
N PRO D 154 -38.97 -5.12 1.03
CA PRO D 154 -39.57 -5.45 2.33
C PRO D 154 -39.56 -4.26 3.30
N GLU D 155 -40.69 -4.05 3.97
CA GLU D 155 -40.85 -2.93 4.87
C GLU D 155 -39.54 -2.54 5.58
N TYR D 156 -38.95 -3.50 6.30
CA TYR D 156 -37.85 -3.21 7.25
C TYR D 156 -36.60 -2.56 6.63
N LEU D 157 -36.50 -2.55 5.32
CA LEU D 157 -35.32 -1.98 4.68
C LEU D 157 -35.44 -0.47 4.66
N PHE D 158 -36.47 0.05 5.31
CA PHE D 158 -36.69 1.49 5.33
C PHE D 158 -36.51 2.02 6.74
N GLU D 159 -35.97 1.18 7.61
CA GLU D 159 -35.77 1.55 9.00
C GLU D 159 -34.39 1.12 9.43
N THR D 160 -33.78 1.90 10.32
CA THR D 160 -32.47 1.55 10.87
C THR D 160 -32.47 0.14 11.48
N LEU D 161 -31.41 -0.64 11.25
CA LEU D 161 -31.32 -2.01 11.75
C LEU D 161 -29.95 -2.28 12.38
N SER D 162 -29.77 -3.49 12.90
CA SER D 162 -28.49 -3.84 13.53
C SER D 162 -28.29 -5.35 13.53
N PHE D 163 -27.21 -5.80 12.91
CA PHE D 163 -26.90 -7.22 12.84
C PHE D 163 -25.40 -7.45 12.98
N PRO D 164 -25.01 -8.70 13.27
CA PRO D 164 -23.58 -9.04 13.42
C PRO D 164 -22.97 -9.06 12.03
N LEU D 165 -21.66 -8.89 11.93
CA LEU D 165 -20.99 -8.86 10.63
C LEU D 165 -21.26 -10.14 9.83
N SER D 166 -21.37 -11.28 10.52
CA SER D 166 -21.57 -12.57 9.88
C SER D 166 -22.81 -12.57 9.00
N SER D 167 -23.73 -11.65 9.29
CA SER D 167 -25.01 -11.61 8.61
C SER D 167 -24.98 -10.66 7.43
N LEU D 168 -23.90 -9.91 7.31
CA LEU D 168 -23.81 -8.85 6.30
C LEU D 168 -24.08 -9.39 4.91
N ASN D 169 -23.22 -10.30 4.47
CA ASN D 169 -23.37 -10.80 3.11
C ASN D 169 -24.81 -11.23 2.82
N GLN D 170 -25.44 -11.82 3.83
CA GLN D 170 -26.82 -12.28 3.75
C GLN D 170 -27.74 -11.10 3.47
N PHE D 171 -27.51 -10.01 4.20
CA PHE D 171 -28.21 -8.75 3.97
C PHE D 171 -28.05 -8.39 2.50
N TYR D 172 -26.80 -8.18 2.08
CA TYR D 172 -26.54 -7.75 0.71
C TYR D 172 -27.41 -8.51 -0.27
N ASN D 173 -27.44 -9.83 -0.11
CA ASN D 173 -28.13 -10.70 -1.04
C ASN D 173 -29.61 -10.40 -1.09
N LYS D 174 -30.19 -10.17 0.07
CA LYS D 174 -31.62 -9.89 0.13
C LYS D 174 -31.99 -8.64 -0.66
N ILE D 175 -31.11 -7.64 -0.60
CA ILE D 175 -31.36 -6.38 -1.29
C ILE D 175 -31.22 -6.54 -2.79
N ALA D 176 -30.22 -7.31 -3.21
CA ALA D 176 -29.99 -7.55 -4.63
C ALA D 176 -31.18 -8.30 -5.24
N LYS D 177 -31.61 -9.36 -4.54
CA LYS D 177 -32.72 -10.19 -5.01
C LYS D 177 -34.01 -9.41 -5.19
N SER D 178 -34.18 -8.37 -4.37
CA SER D 178 -35.41 -7.57 -4.42
C SER D 178 -35.32 -6.48 -5.47
N LEU D 179 -34.09 -6.08 -5.80
CA LEU D 179 -33.85 -5.03 -6.79
C LEU D 179 -33.57 -5.63 -8.18
#